data_1TM6
#
_entry.id   1TM6
#
loop_
_entity.id
_entity.type
_entity.pdbx_description
1 polymer 'Preprotein translocase secA subunit'
2 non-polymer 'ZINC ION'
#
_entity_poly.entity_id   1
_entity_poly.type   'polypeptide(L)'
_entity_poly.pdbx_seq_one_letter_code
;GRNDPCPCGSGKKYKQCHGRLQ
;
_entity_poly.pdbx_strand_id   A
#
loop_
_chem_comp.id
_chem_comp.type
_chem_comp.name
_chem_comp.formula
ZN non-polymer 'ZINC ION' 'Zn 2'
#
# COMPACT_ATOMS: atom_id res chain seq x y z
N GLY A 1 6.76 1.10 -7.15
CA GLY A 1 8.06 1.15 -6.42
C GLY A 1 7.93 0.43 -5.09
N ARG A 2 7.09 -0.57 -5.02
CA ARG A 2 6.91 -1.31 -3.75
C ARG A 2 6.81 -0.33 -2.57
N ASN A 3 6.14 0.77 -2.77
CA ASN A 3 6.01 1.77 -1.66
C ASN A 3 4.77 1.48 -0.83
N ASP A 4 4.81 0.49 0.01
CA ASP A 4 3.62 0.19 0.85
C ASP A 4 3.94 0.52 2.30
N PRO A 5 4.08 1.79 2.54
CA PRO A 5 4.40 2.28 3.91
C PRO A 5 3.28 1.90 4.88
N CYS A 6 2.47 2.84 5.31
CA CYS A 6 1.36 2.51 6.25
C CYS A 6 1.79 1.37 7.19
N PRO A 7 0.89 0.53 7.64
CA PRO A 7 1.28 -0.57 8.53
C PRO A 7 1.49 -1.81 7.68
N CYS A 8 1.78 -1.62 6.43
CA CYS A 8 1.99 -2.80 5.55
C CYS A 8 3.48 -3.07 5.37
N GLY A 9 4.25 -2.04 5.09
CA GLY A 9 5.72 -2.24 4.90
C GLY A 9 5.96 -3.31 3.84
N SER A 10 5.67 -3.02 2.59
CA SER A 10 5.87 -4.03 1.54
C SER A 10 5.77 -3.40 0.14
N GLY A 11 4.94 -3.94 -0.71
CA GLY A 11 4.80 -3.39 -2.08
C GLY A 11 3.43 -3.77 -2.65
N LYS A 12 2.89 -2.97 -3.52
CA LYS A 12 1.54 -3.27 -4.12
C LYS A 12 0.46 -3.23 -3.05
N LYS A 13 0.60 -4.03 -2.03
CA LYS A 13 -0.39 -4.07 -0.92
C LYS A 13 -1.02 -2.71 -0.69
N TYR A 14 -0.27 -1.81 -0.14
CA TYR A 14 -0.78 -0.45 0.13
C TYR A 14 -1.75 0.00 -0.96
N LYS A 15 -1.37 -0.13 -2.20
CA LYS A 15 -2.31 0.29 -3.28
C LYS A 15 -3.69 -0.33 -3.00
N GLN A 16 -3.71 -1.59 -2.66
CA GLN A 16 -5.00 -2.27 -2.36
C GLN A 16 -5.45 -1.92 -0.94
N CYS A 17 -4.54 -1.50 -0.10
CA CYS A 17 -4.92 -1.16 1.30
C CYS A 17 -5.16 0.35 1.45
N HIS A 18 -4.15 1.15 1.28
CA HIS A 18 -4.32 2.62 1.43
C HIS A 18 -4.25 3.33 0.07
N GLY A 19 -4.23 2.58 -1.00
CA GLY A 19 -4.16 3.23 -2.34
C GLY A 19 -5.57 3.61 -2.81
N ARG A 20 -6.54 2.78 -2.52
CA ARG A 20 -7.93 3.10 -2.93
C ARG A 20 -8.48 4.27 -2.11
N LEU A 21 -9.19 5.15 -2.73
CA LEU A 21 -9.76 6.32 -1.97
C LEU A 21 -11.20 6.57 -2.39
N GLN A 22 -12.05 5.59 -2.25
CA GLN A 22 -13.48 5.78 -2.63
C GLN A 22 -14.41 5.19 -1.55
ZN ZN B . -1.59 -0.38 4.44
N GLY A 1 0.52 7.12 -1.82
CA GLY A 1 1.94 6.70 -1.91
C GLY A 1 2.07 5.55 -2.90
N ARG A 2 3.25 5.31 -3.40
CA ARG A 2 3.43 4.18 -4.37
C ARG A 2 3.95 2.94 -3.64
N ASN A 3 4.69 3.14 -2.58
CA ASN A 3 5.23 1.97 -1.82
C ASN A 3 4.18 1.46 -0.84
N ASP A 4 4.53 0.56 0.03
CA ASP A 4 3.53 0.06 0.98
C ASP A 4 3.93 0.45 2.41
N PRO A 5 4.06 1.72 2.59
CA PRO A 5 4.40 2.28 3.92
C PRO A 5 3.28 1.92 4.91
N CYS A 6 2.51 2.89 5.35
CA CYS A 6 1.38 2.60 6.29
C CYS A 6 1.74 1.39 7.18
N PRO A 7 0.81 0.53 7.53
CA PRO A 7 1.16 -0.62 8.38
C PRO A 7 1.41 -1.81 7.47
N CYS A 8 1.70 -1.55 6.21
CA CYS A 8 1.94 -2.66 5.27
C CYS A 8 3.42 -3.04 5.24
N GLY A 9 4.28 -2.07 5.02
CA GLY A 9 5.74 -2.38 4.97
C GLY A 9 6.01 -3.42 3.90
N SER A 10 5.73 -3.11 2.66
CA SER A 10 5.94 -4.10 1.58
C SER A 10 5.78 -3.43 0.20
N GLY A 11 5.09 -4.09 -0.69
CA GLY A 11 4.87 -3.53 -2.06
C GLY A 11 3.48 -3.92 -2.58
N LYS A 12 2.89 -3.09 -3.40
CA LYS A 12 1.55 -3.39 -3.97
C LYS A 12 0.46 -3.38 -2.88
N LYS A 13 0.56 -4.26 -1.95
CA LYS A 13 -0.46 -4.36 -0.85
C LYS A 13 -1.00 -2.99 -0.47
N TYR A 14 -0.19 -1.99 -0.58
CA TYR A 14 -0.65 -0.63 -0.23
C TYR A 14 -1.72 -0.18 -1.20
N LYS A 15 -1.42 -0.22 -2.47
CA LYS A 15 -2.42 0.21 -3.47
C LYS A 15 -3.78 -0.39 -3.10
N GLN A 16 -3.78 -1.63 -2.71
CA GLN A 16 -5.05 -2.29 -2.30
C GLN A 16 -5.42 -1.89 -0.87
N CYS A 17 -4.43 -1.46 -0.11
CA CYS A 17 -4.71 -1.06 1.30
C CYS A 17 -4.86 0.46 1.43
N HIS A 18 -3.82 1.19 1.14
CA HIS A 18 -3.90 2.68 1.25
C HIS A 18 -3.88 3.34 -0.14
N GLY A 19 -3.97 2.57 -1.19
CA GLY A 19 -3.94 3.19 -2.54
C GLY A 19 -5.26 3.94 -2.79
N ARG A 20 -6.36 3.27 -2.68
CA ARG A 20 -7.67 3.94 -2.91
C ARG A 20 -8.52 3.88 -1.63
N LEU A 21 -9.70 4.42 -1.68
CA LEU A 21 -10.58 4.37 -0.47
C LEU A 21 -11.61 3.25 -0.63
N GLN A 22 -11.21 2.17 -1.22
CA GLN A 22 -12.14 1.03 -1.41
C GLN A 22 -13.39 1.49 -2.18
ZN ZN B . -1.57 -0.43 4.54
N GLY A 1 4.66 0.07 -8.55
CA GLY A 1 3.63 -0.23 -7.52
C GLY A 1 3.85 0.65 -6.30
N ARG A 2 4.37 1.83 -6.49
CA ARG A 2 4.61 2.74 -5.33
C ARG A 2 5.20 1.96 -4.16
N ASN A 3 5.18 2.53 -2.98
CA ASN A 3 5.72 1.83 -1.79
C ASN A 3 4.60 1.38 -0.87
N ASP A 4 4.87 0.46 0.01
CA ASP A 4 3.81 -0.01 0.94
C ASP A 4 4.13 0.38 2.37
N PRO A 5 4.30 1.65 2.57
CA PRO A 5 4.62 2.19 3.92
C PRO A 5 3.44 1.90 4.85
N CYS A 6 2.71 2.92 5.28
CA CYS A 6 1.55 2.70 6.19
C CYS A 6 1.83 1.49 7.11
N PRO A 7 0.81 0.75 7.51
CA PRO A 7 1.06 -0.40 8.38
C PRO A 7 1.13 -1.64 7.51
N CYS A 8 1.52 -1.47 6.28
CA CYS A 8 1.59 -2.65 5.37
C CYS A 8 3.05 -3.11 5.22
N GLY A 9 3.93 -2.20 4.90
CA GLY A 9 5.37 -2.59 4.73
C GLY A 9 5.50 -3.65 3.64
N SER A 10 5.56 -3.24 2.39
CA SER A 10 5.69 -4.22 1.29
C SER A 10 5.92 -3.51 -0.05
N GLY A 11 5.27 -3.98 -1.08
CA GLY A 11 5.42 -3.33 -2.42
C GLY A 11 4.11 -3.41 -3.22
N LYS A 12 3.01 -3.73 -2.58
CA LYS A 12 1.71 -3.80 -3.30
C LYS A 12 0.53 -3.63 -2.35
N LYS A 13 0.68 -4.13 -1.15
CA LYS A 13 -0.41 -4.00 -0.13
C LYS A 13 -1.05 -2.62 -0.19
N TYR A 14 -0.34 -1.65 0.29
CA TYR A 14 -0.83 -0.25 0.32
C TYR A 14 -1.73 0.05 -0.88
N LYS A 15 -1.21 -0.08 -2.07
CA LYS A 15 -2.08 0.20 -3.27
C LYS A 15 -3.45 -0.43 -3.03
N GLN A 16 -3.47 -1.66 -2.60
CA GLN A 16 -4.75 -2.36 -2.31
C GLN A 16 -5.28 -1.95 -0.93
N CYS A 17 -4.39 -1.51 -0.07
CA CYS A 17 -4.83 -1.11 1.30
C CYS A 17 -5.06 0.41 1.36
N HIS A 18 -4.01 1.18 1.28
CA HIS A 18 -4.17 2.66 1.33
C HIS A 18 -4.13 3.25 -0.09
N GLY A 19 -4.12 2.43 -1.10
CA GLY A 19 -4.10 2.98 -2.49
C GLY A 19 -5.49 3.46 -2.88
N ARG A 20 -6.47 3.18 -2.06
CA ARG A 20 -7.86 3.63 -2.38
C ARG A 20 -8.64 3.93 -1.09
N LEU A 21 -8.37 3.18 -0.07
CA LEU A 21 -9.09 3.41 1.23
C LEU A 21 -10.60 3.31 1.02
N GLN A 22 -11.13 2.12 1.07
CA GLN A 22 -12.61 1.95 0.87
C GLN A 22 -13.35 2.23 2.18
ZN ZN B . -1.66 0.16 4.31
N GLY A 1 8.62 -0.86 -6.05
CA GLY A 1 8.97 -2.16 -5.42
C GLY A 1 9.14 -1.97 -3.90
N ARG A 2 8.41 -1.04 -3.33
CA ARG A 2 8.54 -0.80 -1.86
C ARG A 2 7.71 0.40 -1.42
N ASN A 3 6.66 0.74 -2.13
CA ASN A 3 5.89 1.92 -1.69
C ASN A 3 4.70 1.49 -0.85
N ASP A 4 4.83 0.49 -0.03
CA ASP A 4 3.67 0.09 0.79
C ASP A 4 3.96 0.47 2.24
N PRO A 5 4.05 1.76 2.45
CA PRO A 5 4.35 2.28 3.82
C PRO A 5 3.25 1.86 4.81
N CYS A 6 2.44 2.79 5.25
CA CYS A 6 1.36 2.46 6.23
C CYS A 6 1.86 1.35 7.17
N PRO A 7 1.00 0.53 7.70
CA PRO A 7 1.43 -0.52 8.62
C PRO A 7 1.64 -1.80 7.81
N CYS A 8 1.85 -1.66 6.53
CA CYS A 8 2.02 -2.85 5.69
C CYS A 8 3.50 -3.11 5.40
N GLY A 9 4.19 -2.12 4.87
CA GLY A 9 5.63 -2.33 4.56
C GLY A 9 5.77 -3.43 3.51
N SER A 10 5.57 -3.10 2.26
CA SER A 10 5.68 -4.13 1.21
C SER A 10 5.78 -3.49 -0.18
N GLY A 11 5.03 -3.98 -1.13
CA GLY A 11 5.09 -3.40 -2.51
C GLY A 11 3.72 -2.89 -2.98
N LYS A 12 2.77 -3.76 -3.22
CA LYS A 12 1.45 -3.29 -3.73
C LYS A 12 0.34 -3.35 -2.67
N LYS A 13 0.56 -4.09 -1.62
CA LYS A 13 -0.46 -4.19 -0.54
C LYS A 13 -1.12 -2.83 -0.32
N TYR A 14 -0.35 -1.90 0.12
CA TYR A 14 -0.89 -0.53 0.36
C TYR A 14 -1.88 -0.13 -0.72
N LYS A 15 -1.49 -0.22 -1.97
CA LYS A 15 -2.44 0.15 -3.05
C LYS A 15 -3.80 -0.50 -2.76
N GLN A 16 -3.79 -1.76 -2.44
CA GLN A 16 -5.06 -2.48 -2.13
C GLN A 16 -5.54 -2.12 -0.72
N CYS A 17 -4.68 -1.54 0.08
CA CYS A 17 -5.08 -1.17 1.47
C CYS A 17 -5.33 0.33 1.59
N HIS A 18 -4.29 1.12 1.49
CA HIS A 18 -4.46 2.60 1.64
C HIS A 18 -4.30 3.33 0.30
N GLY A 19 -4.24 2.63 -0.80
CA GLY A 19 -4.07 3.33 -2.11
C GLY A 19 -5.42 3.54 -2.79
N ARG A 20 -6.45 2.86 -2.35
CA ARG A 20 -7.78 3.04 -3.00
C ARG A 20 -8.15 4.53 -3.04
N LEU A 21 -8.89 4.99 -2.08
CA LEU A 21 -9.28 6.42 -2.07
C LEU A 21 -8.07 7.31 -2.33
N GLN A 22 -7.90 7.74 -3.54
CA GLN A 22 -6.73 8.61 -3.87
C GLN A 22 -7.20 10.05 -4.10
ZN ZN B . -1.61 -0.46 4.33
N GLY A 1 4.84 0.36 -7.30
CA GLY A 1 5.54 -0.91 -7.62
C GLY A 1 6.10 -1.53 -6.33
N ARG A 2 6.93 -0.81 -5.62
CA ARG A 2 7.50 -1.35 -4.35
C ARG A 2 7.45 -0.29 -3.25
N ASN A 3 6.28 0.15 -2.86
CA ASN A 3 6.19 1.19 -1.79
C ASN A 3 4.95 0.98 -0.95
N ASP A 4 5.00 0.13 0.04
CA ASP A 4 3.80 -0.08 0.87
C ASP A 4 4.07 0.35 2.31
N PRO A 5 4.18 1.64 2.48
CA PRO A 5 4.43 2.22 3.82
C PRO A 5 3.28 1.87 4.78
N CYS A 6 2.46 2.83 5.14
CA CYS A 6 1.33 2.54 6.08
C CYS A 6 1.77 1.46 7.09
N PRO A 7 0.86 0.66 7.60
CA PRO A 7 1.24 -0.37 8.56
C PRO A 7 1.47 -1.66 7.81
N CYS A 8 1.78 -1.55 6.54
CA CYS A 8 1.98 -2.78 5.75
C CYS A 8 3.48 -3.03 5.53
N GLY A 9 4.19 -2.03 5.08
CA GLY A 9 5.66 -2.21 4.84
C GLY A 9 5.87 -3.34 3.84
N SER A 10 5.84 -3.05 2.57
CA SER A 10 6.02 -4.12 1.57
C SER A 10 6.04 -3.54 0.14
N GLY A 11 5.18 -4.02 -0.72
CA GLY A 11 5.14 -3.51 -2.11
C GLY A 11 3.76 -3.79 -2.69
N LYS A 12 3.15 -2.82 -3.32
CA LYS A 12 1.78 -3.00 -3.92
C LYS A 12 0.70 -2.93 -2.85
N LYS A 13 0.61 -3.92 -2.02
CA LYS A 13 -0.43 -3.97 -0.95
C LYS A 13 -1.06 -2.61 -0.67
N TYR A 14 -0.27 -1.68 -0.27
CA TYR A 14 -0.80 -0.33 0.03
C TYR A 14 -1.81 0.13 -1.01
N LYS A 15 -1.41 0.28 -2.23
CA LYS A 15 -2.37 0.75 -3.26
C LYS A 15 -3.66 -0.06 -3.12
N GLN A 16 -3.53 -1.31 -2.77
CA GLN A 16 -4.74 -2.16 -2.57
C GLN A 16 -5.29 -1.94 -1.16
N CYS A 17 -4.44 -1.51 -0.26
CA CYS A 17 -4.89 -1.27 1.14
C CYS A 17 -5.19 0.22 1.35
N HIS A 18 -4.18 1.05 1.29
CA HIS A 18 -4.41 2.51 1.49
C HIS A 18 -4.52 3.22 0.14
N GLY A 19 -4.50 2.50 -0.94
CA GLY A 19 -4.60 3.17 -2.26
C GLY A 19 -6.06 3.55 -2.52
N ARG A 20 -6.97 2.70 -2.11
CA ARG A 20 -8.43 3.00 -2.33
C ARG A 20 -8.83 4.24 -1.53
N LEU A 21 -9.35 4.06 -0.34
CA LEU A 21 -9.77 5.23 0.48
C LEU A 21 -9.83 4.84 1.96
N GLN A 22 -8.77 4.29 2.48
CA GLN A 22 -8.74 3.89 3.91
C GLN A 22 -10.02 3.14 4.26
ZN ZN B . -1.61 -0.48 4.16
N GLY A 1 9.88 -2.28 1.68
CA GLY A 1 10.25 -2.94 0.39
C GLY A 1 10.06 -1.95 -0.76
N ARG A 2 8.92 -1.96 -1.39
CA ARG A 2 8.67 -1.02 -2.52
C ARG A 2 8.10 0.30 -1.98
N ASN A 3 6.81 0.51 -2.11
CA ASN A 3 6.23 1.77 -1.58
C ASN A 3 4.96 1.48 -0.81
N ASP A 4 4.96 0.48 0.02
CA ASP A 4 3.73 0.17 0.80
C ASP A 4 4.00 0.52 2.25
N PRO A 5 4.13 1.80 2.49
CA PRO A 5 4.41 2.32 3.85
C PRO A 5 3.26 1.94 4.80
N CYS A 6 2.48 2.90 5.25
CA CYS A 6 1.36 2.59 6.17
C CYS A 6 1.77 1.43 7.10
N PRO A 7 0.84 0.60 7.55
CA PRO A 7 1.22 -0.51 8.42
C PRO A 7 1.42 -1.75 7.57
N CYS A 8 1.70 -1.54 6.30
CA CYS A 8 1.88 -2.70 5.41
C CYS A 8 3.37 -3.02 5.25
N GLY A 9 4.16 -2.02 4.96
CA GLY A 9 5.62 -2.25 4.78
C GLY A 9 5.85 -3.34 3.73
N SER A 10 5.73 -3.01 2.47
CA SER A 10 5.91 -4.03 1.43
C SER A 10 5.85 -3.40 0.03
N GLY A 11 5.01 -3.94 -0.83
CA GLY A 11 4.89 -3.40 -2.21
C GLY A 11 3.49 -3.72 -2.75
N LYS A 12 2.94 -2.87 -3.58
CA LYS A 12 1.56 -3.12 -4.14
C LYS A 12 0.51 -3.11 -3.04
N LYS A 13 0.67 -3.99 -2.09
CA LYS A 13 -0.29 -4.09 -0.94
C LYS A 13 -0.96 -2.75 -0.65
N TYR A 14 -0.19 -1.82 -0.20
CA TYR A 14 -0.74 -0.48 0.13
C TYR A 14 -1.82 -0.07 -0.87
N LYS A 15 -1.53 -0.12 -2.14
CA LYS A 15 -2.57 0.28 -3.12
C LYS A 15 -3.87 -0.47 -2.78
N GLN A 16 -3.77 -1.72 -2.48
CA GLN A 16 -4.99 -2.52 -2.11
C GLN A 16 -5.42 -2.19 -0.68
N CYS A 17 -4.54 -1.62 0.10
CA CYS A 17 -4.89 -1.30 1.50
C CYS A 17 -5.16 0.20 1.67
N HIS A 18 -4.16 1.01 1.45
CA HIS A 18 -4.36 2.48 1.60
C HIS A 18 -4.33 3.18 0.25
N GLY A 19 -4.35 2.42 -0.82
CA GLY A 19 -4.33 3.05 -2.18
C GLY A 19 -5.64 3.82 -2.40
N ARG A 20 -6.63 3.55 -1.60
CA ARG A 20 -7.94 4.26 -1.76
C ARG A 20 -8.49 4.03 -3.17
N LEU A 21 -9.48 3.18 -3.30
CA LEU A 21 -10.06 2.90 -4.65
C LEU A 21 -11.21 3.86 -4.93
N GLN A 22 -10.93 5.11 -5.18
CA GLN A 22 -12.02 6.08 -5.47
C GLN A 22 -11.58 7.05 -6.58
ZN ZN B . -1.69 -0.26 4.52
N GLY A 1 10.12 -4.14 -2.39
CA GLY A 1 8.70 -3.70 -2.42
C GLY A 1 8.59 -2.34 -3.11
N ARG A 2 7.41 -1.95 -3.51
CA ARG A 2 7.25 -0.64 -4.19
C ARG A 2 7.09 0.47 -3.15
N ASN A 3 5.88 0.88 -2.87
CA ASN A 3 5.69 1.97 -1.85
C ASN A 3 4.53 1.62 -0.93
N ASP A 4 4.67 0.61 -0.11
CA ASP A 4 3.56 0.26 0.80
C ASP A 4 3.94 0.60 2.25
N PRO A 5 4.01 1.87 2.49
CA PRO A 5 4.38 2.39 3.84
C PRO A 5 3.30 2.01 4.86
N CYS A 6 2.55 2.96 5.37
CA CYS A 6 1.47 2.65 6.36
C CYS A 6 1.91 1.45 7.24
N PRO A 7 0.99 0.66 7.72
CA PRO A 7 1.37 -0.47 8.57
C PRO A 7 1.51 -1.71 7.70
N CYS A 8 1.73 -1.51 6.43
CA CYS A 8 1.86 -2.67 5.53
C CYS A 8 3.35 -2.99 5.31
N GLY A 9 4.15 -1.98 5.11
CA GLY A 9 5.60 -2.20 4.88
C GLY A 9 5.81 -3.29 3.84
N SER A 10 5.60 -2.99 2.59
CA SER A 10 5.77 -4.02 1.55
C SER A 10 5.72 -3.39 0.16
N GLY A 11 4.99 -4.00 -0.73
CA GLY A 11 4.87 -3.47 -2.12
C GLY A 11 3.47 -3.78 -2.66
N LYS A 12 2.91 -2.89 -3.44
CA LYS A 12 1.54 -3.13 -4.02
C LYS A 12 0.49 -3.16 -2.92
N LYS A 13 0.66 -4.05 -1.97
CA LYS A 13 -0.32 -4.18 -0.85
C LYS A 13 -0.99 -2.86 -0.54
N TYR A 14 -0.21 -1.88 -0.22
CA TYR A 14 -0.79 -0.55 0.07
C TYR A 14 -1.79 -0.16 -1.01
N LYS A 15 -1.39 -0.19 -2.25
CA LYS A 15 -2.34 0.17 -3.34
C LYS A 15 -3.68 -0.51 -3.09
N GLN A 16 -3.64 -1.78 -2.77
CA GLN A 16 -4.91 -2.52 -2.49
C GLN A 16 -5.37 -2.28 -1.06
N CYS A 17 -4.47 -1.83 -0.22
CA CYS A 17 -4.84 -1.55 1.20
C CYS A 17 -5.19 -0.07 1.36
N HIS A 18 -4.23 0.79 1.26
CA HIS A 18 -4.51 2.26 1.39
C HIS A 18 -4.43 2.95 0.03
N GLY A 19 -4.29 2.21 -1.03
CA GLY A 19 -4.22 2.84 -2.37
C GLY A 19 -5.52 3.60 -2.64
N ARG A 20 -6.58 3.21 -1.98
CA ARG A 20 -7.89 3.91 -2.19
C ARG A 20 -7.83 5.32 -1.61
N LEU A 21 -8.90 5.77 -1.01
CA LEU A 21 -8.90 7.13 -0.41
C LEU A 21 -7.95 7.17 0.78
N GLN A 22 -6.67 7.11 0.53
CA GLN A 22 -5.68 7.15 1.65
C GLN A 22 -5.97 6.03 2.64
ZN ZN B . -1.60 -0.11 3.95
N GLY A 1 8.35 -5.25 -3.56
CA GLY A 1 8.17 -4.21 -2.51
C GLY A 1 8.64 -2.86 -3.04
N ARG A 2 7.82 -1.85 -2.97
CA ARG A 2 8.24 -0.50 -3.47
C ARG A 2 7.81 0.59 -2.49
N ASN A 3 6.56 0.95 -2.50
CA ASN A 3 6.11 2.02 -1.56
C ASN A 3 4.89 1.62 -0.75
N ASP A 4 4.97 0.57 0.03
CA ASP A 4 3.78 0.20 0.85
C ASP A 4 4.10 0.51 2.32
N PRO A 5 4.18 1.80 2.59
CA PRO A 5 4.50 2.28 3.95
C PRO A 5 3.40 1.88 4.95
N CYS A 6 2.64 2.82 5.48
CA CYS A 6 1.56 2.49 6.44
C CYS A 6 1.99 1.27 7.30
N PRO A 7 1.07 0.45 7.74
CA PRO A 7 1.46 -0.71 8.54
C PRO A 7 1.58 -1.90 7.62
N CYS A 8 1.83 -1.65 6.36
CA CYS A 8 1.95 -2.78 5.42
C CYS A 8 3.42 -3.13 5.19
N GLY A 9 4.25 -2.15 4.93
CA GLY A 9 5.70 -2.44 4.71
C GLY A 9 5.85 -3.51 3.63
N SER A 10 5.72 -3.15 2.38
CA SER A 10 5.86 -4.15 1.30
C SER A 10 5.75 -3.47 -0.08
N GLY A 11 4.94 -4.00 -0.95
CA GLY A 11 4.77 -3.40 -2.30
C GLY A 11 3.33 -3.62 -2.78
N LYS A 12 2.76 -2.66 -3.46
CA LYS A 12 1.37 -2.79 -3.98
C LYS A 12 0.36 -2.86 -2.84
N LYS A 13 0.54 -3.81 -1.97
CA LYS A 13 -0.38 -3.99 -0.81
C LYS A 13 -1.04 -2.68 -0.41
N TYR A 14 -0.25 -1.70 -0.13
CA TYR A 14 -0.79 -0.38 0.23
C TYR A 14 -1.87 0.05 -0.76
N LYS A 15 -1.57 -0.01 -2.04
CA LYS A 15 -2.60 0.38 -3.05
C LYS A 15 -3.93 -0.27 -2.69
N GLN A 16 -3.91 -1.55 -2.41
CA GLN A 16 -5.17 -2.26 -2.04
C GLN A 16 -5.57 -1.92 -0.60
N CYS A 17 -4.67 -1.34 0.13
CA CYS A 17 -4.97 -1.00 1.56
C CYS A 17 -5.23 0.50 1.71
N HIS A 18 -4.21 1.30 1.55
CA HIS A 18 -4.39 2.77 1.71
C HIS A 18 -4.30 3.51 0.38
N GLY A 19 -4.29 2.80 -0.72
CA GLY A 19 -4.20 3.51 -2.04
C GLY A 19 -5.55 3.45 -2.76
N ARG A 20 -6.59 3.04 -2.06
CA ARG A 20 -7.97 2.96 -2.65
C ARG A 20 -7.91 2.80 -4.18
N LEU A 21 -7.82 1.59 -4.65
CA LEU A 21 -7.77 1.37 -6.13
C LEU A 21 -8.97 2.04 -6.81
N GLN A 22 -8.84 3.30 -7.15
CA GLN A 22 -9.97 4.01 -7.80
C GLN A 22 -11.26 3.82 -7.00
ZN ZN B . -1.57 -0.19 4.51
N GLY A 1 8.50 -0.03 -7.59
CA GLY A 1 7.67 -1.25 -7.34
C GLY A 1 7.73 -1.62 -5.86
N ARG A 2 7.83 -0.64 -5.00
CA ARG A 2 7.88 -0.95 -3.54
C ARG A 2 7.48 0.27 -2.71
N ASN A 3 6.22 0.59 -2.66
CA ASN A 3 5.83 1.77 -1.84
C ASN A 3 4.68 1.39 -0.91
N ASP A 4 4.85 0.41 -0.08
CA ASP A 4 3.74 0.03 0.84
C ASP A 4 4.08 0.43 2.28
N PRO A 5 4.15 1.71 2.49
CA PRO A 5 4.46 2.24 3.84
C PRO A 5 3.33 1.87 4.81
N CYS A 6 2.52 2.82 5.23
CA CYS A 6 1.40 2.51 6.17
C CYS A 6 1.85 1.38 7.14
N PRO A 7 0.94 0.58 7.61
CA PRO A 7 1.32 -0.50 8.52
C PRO A 7 1.51 -1.78 7.71
N CYS A 8 1.81 -1.63 6.46
CA CYS A 8 1.98 -2.83 5.62
C CYS A 8 3.47 -3.13 5.41
N GLY A 9 4.25 -2.13 5.10
CA GLY A 9 5.70 -2.37 4.89
C GLY A 9 5.88 -3.48 3.86
N SER A 10 5.73 -3.18 2.60
CA SER A 10 5.87 -4.23 1.56
C SER A 10 5.83 -3.60 0.16
N GLY A 11 5.06 -4.18 -0.73
CA GLY A 11 4.94 -3.63 -2.11
C GLY A 11 3.50 -3.81 -2.61
N LYS A 12 3.01 -2.89 -3.40
CA LYS A 12 1.61 -3.00 -3.93
C LYS A 12 0.57 -2.88 -2.82
N LYS A 13 0.57 -3.82 -1.92
CA LYS A 13 -0.41 -3.82 -0.78
C LYS A 13 -1.07 -2.46 -0.59
N TYR A 14 -0.34 -1.53 -0.10
CA TYR A 14 -0.87 -0.17 0.13
C TYR A 14 -1.81 0.23 -1.00
N LYS A 15 -1.37 0.14 -2.22
CA LYS A 15 -2.28 0.51 -3.34
C LYS A 15 -3.64 -0.14 -3.10
N GLN A 16 -3.64 -1.40 -2.78
CA GLN A 16 -4.92 -2.12 -2.51
C GLN A 16 -5.38 -1.86 -1.07
N CYS A 17 -4.49 -1.39 -0.22
CA CYS A 17 -4.88 -1.14 1.20
C CYS A 17 -5.17 0.36 1.41
N HIS A 18 -4.18 1.19 1.26
CA HIS A 18 -4.39 2.65 1.46
C HIS A 18 -4.34 3.40 0.12
N GLY A 19 -4.30 2.69 -0.97
CA GLY A 19 -4.23 3.39 -2.29
C GLY A 19 -5.64 3.51 -2.87
N ARG A 20 -6.55 2.72 -2.39
CA ARG A 20 -7.94 2.78 -2.92
C ARG A 20 -8.89 3.33 -1.85
N LEU A 21 -10.17 3.12 -2.04
CA LEU A 21 -11.15 3.63 -1.04
C LEU A 21 -12.27 2.60 -0.87
N GLN A 22 -11.91 1.35 -0.79
CA GLN A 22 -12.93 0.28 -0.62
C GLN A 22 -12.58 -0.60 0.59
ZN ZN B . -1.55 -0.41 4.30
N GLY A 1 2.14 6.94 -7.18
CA GLY A 1 1.96 5.85 -6.17
C GLY A 1 3.30 5.56 -5.49
N ARG A 2 3.30 5.44 -4.19
CA ARG A 2 4.57 5.16 -3.47
C ARG A 2 4.73 3.64 -3.28
N ASN A 3 5.19 3.23 -2.12
CA ASN A 3 5.37 1.76 -1.88
C ASN A 3 4.34 1.28 -0.88
N ASP A 4 4.69 0.34 -0.04
CA ASP A 4 3.70 -0.15 0.95
C ASP A 4 4.13 0.27 2.36
N PRO A 5 4.29 1.54 2.54
CA PRO A 5 4.69 2.08 3.86
C PRO A 5 3.60 1.77 4.88
N CYS A 6 2.85 2.76 5.33
CA CYS A 6 1.76 2.50 6.32
C CYS A 6 2.16 1.35 7.25
N PRO A 7 1.23 0.58 7.76
CA PRO A 7 1.59 -0.51 8.66
C PRO A 7 1.71 -1.79 7.85
N CYS A 8 1.96 -1.64 6.58
CA CYS A 8 2.06 -2.84 5.72
C CYS A 8 3.53 -3.21 5.51
N GLY A 9 4.32 -2.27 5.05
CA GLY A 9 5.77 -2.56 4.81
C GLY A 9 5.93 -3.65 3.75
N SER A 10 5.80 -3.30 2.50
CA SER A 10 5.93 -4.31 1.43
C SER A 10 5.82 -3.64 0.04
N GLY A 11 5.02 -4.22 -0.82
CA GLY A 11 4.84 -3.63 -2.19
C GLY A 11 3.44 -3.97 -2.72
N LYS A 12 2.79 -3.02 -3.35
CA LYS A 12 1.41 -3.25 -3.92
C LYS A 12 0.33 -3.16 -2.83
N LYS A 13 0.57 -3.75 -1.71
CA LYS A 13 -0.45 -3.73 -0.61
C LYS A 13 -1.09 -2.36 -0.47
N TYR A 14 -0.37 -1.45 0.11
CA TYR A 14 -0.89 -0.06 0.30
C TYR A 14 -1.80 0.35 -0.85
N LYS A 15 -1.32 0.28 -2.07
CA LYS A 15 -2.19 0.68 -3.20
C LYS A 15 -3.57 0.04 -3.00
N GLN A 16 -3.59 -1.21 -2.65
CA GLN A 16 -4.88 -1.92 -2.41
C GLN A 16 -5.34 -1.65 -0.97
N CYS A 17 -4.43 -1.40 -0.07
CA CYS A 17 -4.80 -1.15 1.35
C CYS A 17 -5.14 0.34 1.56
N HIS A 18 -4.17 1.19 1.40
CA HIS A 18 -4.41 2.65 1.61
C HIS A 18 -4.38 3.40 0.27
N GLY A 19 -4.34 2.69 -0.84
CA GLY A 19 -4.31 3.38 -2.15
C GLY A 19 -5.74 3.59 -2.65
N ARG A 20 -6.70 2.98 -2.01
CA ARG A 20 -8.11 3.13 -2.46
C ARG A 20 -8.22 2.81 -3.96
N LEU A 21 -7.29 2.06 -4.48
CA LEU A 21 -7.36 1.71 -5.93
C LEU A 21 -7.74 2.95 -6.75
N GLN A 22 -7.03 4.03 -6.58
CA GLN A 22 -7.34 5.26 -7.35
C GLN A 22 -8.85 5.53 -7.31
ZN ZN B . -1.42 -0.30 4.26
N GLY A 1 7.04 -1.22 -7.72
CA GLY A 1 6.22 -0.24 -8.49
C GLY A 1 5.72 0.86 -7.56
N ARG A 2 4.97 0.51 -6.56
CA ARG A 2 4.45 1.53 -5.62
C ARG A 2 5.18 1.44 -4.28
N ASN A 3 4.61 1.98 -3.24
CA ASN A 3 5.27 1.91 -1.90
C ASN A 3 4.26 1.44 -0.87
N ASP A 4 4.62 0.50 -0.03
CA ASP A 4 3.64 0.03 0.99
C ASP A 4 4.08 0.40 2.40
N PRO A 5 4.19 1.68 2.63
CA PRO A 5 4.58 2.19 3.96
C PRO A 5 3.47 1.84 4.96
N CYS A 6 2.73 2.80 5.43
CA CYS A 6 1.60 2.52 6.39
C CYS A 6 1.98 1.31 7.27
N PRO A 7 1.02 0.52 7.70
CA PRO A 7 1.33 -0.64 8.54
C PRO A 7 1.45 -1.85 7.64
N CYS A 8 1.77 -1.64 6.40
CA CYS A 8 1.88 -2.80 5.47
C CYS A 8 3.34 -3.19 5.27
N GLY A 9 4.17 -2.24 4.91
CA GLY A 9 5.61 -2.56 4.68
C GLY A 9 5.73 -3.57 3.54
N SER A 10 5.72 -3.13 2.32
CA SER A 10 5.81 -4.07 1.18
C SER A 10 5.87 -3.31 -0.16
N GLY A 11 5.07 -3.70 -1.11
CA GLY A 11 5.10 -2.99 -2.44
C GLY A 11 3.67 -2.84 -3.01
N LYS A 12 2.86 -3.85 -2.94
CA LYS A 12 1.46 -3.74 -3.50
C LYS A 12 0.43 -3.55 -2.39
N LYS A 13 0.68 -4.13 -1.27
CA LYS A 13 -0.26 -4.03 -0.11
C LYS A 13 -0.98 -2.69 -0.09
N TYR A 14 -0.28 -1.70 0.36
CA TYR A 14 -0.85 -0.33 0.44
C TYR A 14 -1.80 -0.06 -0.73
N LYS A 15 -1.34 -0.22 -1.93
CA LYS A 15 -2.24 0.02 -3.09
C LYS A 15 -3.61 -0.63 -2.81
N GLN A 16 -3.59 -1.86 -2.37
CA GLN A 16 -4.86 -2.56 -2.05
C GLN A 16 -5.38 -2.13 -0.68
N CYS A 17 -4.52 -1.59 0.14
CA CYS A 17 -4.95 -1.16 1.51
C CYS A 17 -5.23 0.35 1.54
N HIS A 18 -4.22 1.14 1.36
CA HIS A 18 -4.41 2.61 1.40
C HIS A 18 -4.30 3.23 -0.01
N GLY A 19 -4.28 2.41 -1.03
CA GLY A 19 -4.16 2.97 -2.41
C GLY A 19 -5.54 3.30 -2.97
N ARG A 20 -6.55 3.33 -2.12
CA ARG A 20 -7.91 3.66 -2.63
C ARG A 20 -7.86 4.91 -3.50
N LEU A 21 -8.68 5.00 -4.50
CA LEU A 21 -8.67 6.20 -5.39
C LEU A 21 -10.10 6.65 -5.66
N GLN A 22 -10.57 7.63 -4.92
CA GLN A 22 -11.96 8.12 -5.14
C GLN A 22 -12.94 6.94 -5.19
ZN ZN B . -1.57 -0.14 4.32
N GLY A 1 8.96 -5.40 -2.07
CA GLY A 1 8.15 -4.27 -1.51
C GLY A 1 8.66 -2.95 -2.08
N ARG A 2 7.98 -2.41 -3.06
CA ARG A 2 8.42 -1.13 -3.66
C ARG A 2 8.16 0.04 -2.69
N ASN A 3 6.93 0.35 -2.42
CA ASN A 3 6.64 1.48 -1.48
C ASN A 3 5.31 1.29 -0.78
N ASP A 4 5.19 0.29 0.05
CA ASP A 4 3.91 0.11 0.79
C ASP A 4 4.15 0.43 2.25
N PRO A 5 4.34 1.69 2.49
CA PRO A 5 4.62 2.20 3.87
C PRO A 5 3.45 1.86 4.81
N CYS A 6 2.68 2.85 5.21
CA CYS A 6 1.54 2.61 6.12
C CYS A 6 1.90 1.47 7.10
N PRO A 7 0.94 0.71 7.57
CA PRO A 7 1.24 -0.37 8.51
C PRO A 7 1.37 -1.65 7.71
N CYS A 8 1.71 -1.54 6.45
CA CYS A 8 1.83 -2.76 5.64
C CYS A 8 3.30 -3.14 5.42
N GLY A 9 4.11 -2.19 5.04
CA GLY A 9 5.56 -2.49 4.82
C GLY A 9 5.70 -3.59 3.77
N SER A 10 5.56 -3.26 2.51
CA SER A 10 5.67 -4.29 1.47
C SER A 10 5.70 -3.65 0.06
N GLY A 11 4.82 -4.08 -0.81
CA GLY A 11 4.78 -3.52 -2.19
C GLY A 11 3.37 -3.65 -2.76
N LYS A 12 2.89 -2.68 -3.49
CA LYS A 12 1.52 -2.76 -4.08
C LYS A 12 0.47 -2.72 -2.98
N LYS A 13 0.53 -3.69 -2.11
CA LYS A 13 -0.44 -3.78 -0.96
C LYS A 13 -1.05 -2.43 -0.63
N TYR A 14 -0.21 -1.49 -0.36
CA TYR A 14 -0.72 -0.13 -0.03
C TYR A 14 -1.80 0.27 -1.02
N LYS A 15 -1.48 0.30 -2.29
CA LYS A 15 -2.52 0.69 -3.29
C LYS A 15 -3.83 -0.01 -2.95
N GLN A 16 -3.77 -1.27 -2.67
CA GLN A 16 -5.01 -2.03 -2.32
C GLN A 16 -5.36 -1.81 -0.85
N CYS A 17 -4.45 -1.31 -0.07
CA CYS A 17 -4.73 -1.07 1.37
C CYS A 17 -4.98 0.42 1.63
N HIS A 18 -3.99 1.24 1.42
CA HIS A 18 -4.17 2.70 1.67
C HIS A 18 -4.25 3.46 0.34
N GLY A 19 -4.36 2.76 -0.76
CA GLY A 19 -4.46 3.47 -2.07
C GLY A 19 -5.91 3.90 -2.30
N ARG A 20 -6.78 2.95 -2.52
CA ARG A 20 -8.22 3.26 -2.73
C ARG A 20 -9.01 1.98 -3.05
N LEU A 21 -10.28 1.98 -2.81
CA LEU A 21 -11.10 0.76 -3.12
C LEU A 21 -12.44 1.16 -3.72
N GLN A 22 -12.43 2.02 -4.69
CA GLN A 22 -13.70 2.46 -5.32
C GLN A 22 -13.41 3.42 -6.48
ZN ZN B . -1.61 -0.14 4.49
N GLY A 1 0.99 4.73 -7.45
CA GLY A 1 1.66 3.40 -7.28
C GLY A 1 2.87 3.55 -6.36
N ARG A 2 2.65 3.59 -5.08
CA ARG A 2 3.79 3.73 -4.12
C ARG A 2 4.10 2.38 -3.48
N ASN A 3 5.01 2.36 -2.54
CA ASN A 3 5.35 1.07 -1.87
C ASN A 3 4.35 0.77 -0.78
N ASP A 4 4.69 -0.08 0.15
CA ASP A 4 3.72 -0.37 1.23
C ASP A 4 4.23 0.17 2.55
N PRO A 5 4.38 1.45 2.58
CA PRO A 5 4.81 2.11 3.83
C PRO A 5 3.69 1.90 4.86
N CYS A 6 3.00 2.94 5.26
CA CYS A 6 1.87 2.76 6.23
C CYS A 6 2.16 1.56 7.16
N PRO A 7 1.17 0.82 7.60
CA PRO A 7 1.42 -0.32 8.47
C PRO A 7 1.47 -1.58 7.61
N CYS A 8 1.77 -1.43 6.35
CA CYS A 8 1.80 -2.61 5.47
C CYS A 8 3.23 -3.13 5.30
N GLY A 9 4.16 -2.24 5.09
CA GLY A 9 5.58 -2.66 4.91
C GLY A 9 5.68 -3.76 3.84
N SER A 10 5.64 -3.41 2.58
CA SER A 10 5.73 -4.45 1.53
C SER A 10 5.86 -3.83 0.13
N GLY A 11 5.04 -4.26 -0.80
CA GLY A 11 5.12 -3.70 -2.20
C GLY A 11 3.88 -2.88 -2.57
N LYS A 12 2.96 -3.48 -3.29
CA LYS A 12 1.75 -2.73 -3.75
C LYS A 12 0.57 -2.89 -2.79
N LYS A 13 0.66 -3.80 -1.86
CA LYS A 13 -0.47 -3.99 -0.90
C LYS A 13 -1.04 -2.66 -0.46
N TYR A 14 -0.26 -1.63 -0.54
CA TYR A 14 -0.75 -0.28 -0.15
C TYR A 14 -1.78 0.19 -1.16
N LYS A 15 -1.48 0.12 -2.43
CA LYS A 15 -2.48 0.57 -3.42
C LYS A 15 -3.80 -0.14 -3.12
N GLN A 16 -3.75 -1.40 -2.76
CA GLN A 16 -4.99 -2.15 -2.42
C GLN A 16 -5.38 -1.84 -0.97
N CYS A 17 -4.43 -1.44 -0.16
CA CYS A 17 -4.73 -1.13 1.26
C CYS A 17 -5.01 0.36 1.46
N HIS A 18 -4.02 1.19 1.25
CA HIS A 18 -4.21 2.65 1.44
C HIS A 18 -4.28 3.38 0.09
N GLY A 19 -4.37 2.66 -0.99
CA GLY A 19 -4.44 3.34 -2.31
C GLY A 19 -5.90 3.69 -2.64
N ARG A 20 -6.75 3.69 -1.66
CA ARG A 20 -8.18 4.02 -1.91
C ARG A 20 -8.81 2.95 -2.80
N LEU A 21 -10.04 3.12 -3.17
CA LEU A 21 -10.68 2.11 -4.07
C LEU A 21 -10.51 2.56 -5.51
N GLN A 22 -9.41 3.18 -5.80
CA GLN A 22 -9.15 3.65 -7.19
C GLN A 22 -10.42 4.28 -7.79
ZN ZN B . -1.46 0.18 4.20
N GLY A 1 4.14 -1.37 -7.36
CA GLY A 1 5.02 -0.28 -6.83
C GLY A 1 5.63 -0.71 -5.50
N ARG A 2 6.78 -0.22 -5.18
CA ARG A 2 7.43 -0.61 -3.90
C ARG A 2 7.21 0.48 -2.84
N ASN A 3 5.99 0.91 -2.65
CA ASN A 3 5.74 1.97 -1.64
C ASN A 3 4.56 1.61 -0.75
N ASP A 4 4.64 0.55 0.01
CA ASP A 4 3.49 0.21 0.90
C ASP A 4 3.90 0.45 2.35
N PRO A 5 4.07 1.72 2.65
CA PRO A 5 4.48 2.14 4.02
C PRO A 5 3.40 1.79 5.05
N CYS A 6 2.70 2.77 5.57
CA CYS A 6 1.63 2.50 6.58
C CYS A 6 2.07 1.31 7.46
N PRO A 7 1.15 0.52 7.96
CA PRO A 7 1.54 -0.62 8.80
C PRO A 7 1.64 -1.85 7.91
N CYS A 8 1.83 -1.63 6.64
CA CYS A 8 1.91 -2.79 5.72
C CYS A 8 3.37 -3.13 5.41
N GLY A 9 4.10 -2.19 4.86
CA GLY A 9 5.54 -2.47 4.53
C GLY A 9 5.60 -3.48 3.37
N SER A 10 5.46 -3.02 2.16
CA SER A 10 5.52 -3.96 1.01
C SER A 10 5.55 -3.20 -0.32
N GLY A 11 4.66 -3.51 -1.22
CA GLY A 11 4.65 -2.82 -2.54
C GLY A 11 3.24 -2.81 -3.14
N LYS A 12 2.51 -3.89 -3.02
CA LYS A 12 1.13 -3.92 -3.60
C LYS A 12 0.08 -3.68 -2.52
N LYS A 13 0.29 -4.25 -1.38
CA LYS A 13 -0.69 -4.08 -0.25
C LYS A 13 -1.22 -2.66 -0.20
N TYR A 14 -0.45 -1.78 0.35
CA TYR A 14 -0.87 -0.37 0.48
C TYR A 14 -1.70 0.07 -0.73
N LYS A 15 -1.19 -0.11 -1.90
CA LYS A 15 -1.98 0.29 -3.10
C LYS A 15 -3.41 -0.21 -2.93
N GLN A 16 -3.56 -1.45 -2.52
CA GLN A 16 -4.92 -2.01 -2.31
C GLN A 16 -5.42 -1.63 -0.91
N CYS A 17 -4.52 -1.39 -0.01
CA CYS A 17 -4.93 -1.01 1.38
C CYS A 17 -5.16 0.50 1.48
N HIS A 18 -4.10 1.27 1.38
CA HIS A 18 -4.25 2.74 1.48
C HIS A 18 -4.01 3.44 0.13
N GLY A 19 -3.91 2.69 -0.95
CA GLY A 19 -3.67 3.35 -2.26
C GLY A 19 -4.96 3.35 -3.09
N ARG A 20 -5.88 2.47 -2.79
CA ARG A 20 -7.15 2.42 -3.56
C ARG A 20 -8.25 3.20 -2.85
N LEU A 21 -8.20 4.51 -2.91
CA LEU A 21 -9.24 5.33 -2.24
C LEU A 21 -10.23 5.88 -3.27
N GLN A 22 -10.76 5.02 -4.09
CA GLN A 22 -11.73 5.49 -5.14
C GLN A 22 -11.15 6.68 -5.89
ZN ZN B . -1.64 -0.20 4.53
N GLY A 1 11.42 -0.39 -6.59
CA GLY A 1 10.02 -0.48 -7.09
C GLY A 1 9.11 -0.98 -5.97
N ARG A 2 8.63 -0.09 -5.15
CA ARG A 2 7.74 -0.51 -4.03
C ARG A 2 7.37 0.69 -3.19
N ASN A 3 6.20 0.70 -2.64
CA ASN A 3 5.85 1.84 -1.79
C ASN A 3 4.72 1.48 -0.83
N ASP A 4 4.89 0.50 0.01
CA ASP A 4 3.79 0.17 0.93
C ASP A 4 4.18 0.52 2.37
N PRO A 5 4.25 1.80 2.58
CA PRO A 5 4.60 2.34 3.93
C PRO A 5 3.49 1.98 4.91
N CYS A 6 2.80 2.96 5.45
CA CYS A 6 1.67 2.68 6.39
C CYS A 6 1.98 1.41 7.22
N PRO A 7 0.99 0.64 7.59
CA PRO A 7 1.25 -0.58 8.37
C PRO A 7 1.36 -1.74 7.40
N CYS A 8 1.69 -1.45 6.16
CA CYS A 8 1.80 -2.53 5.18
C CYS A 8 3.25 -3.04 5.14
N GLY A 9 4.19 -2.14 5.20
CA GLY A 9 5.62 -2.57 5.16
C GLY A 9 5.82 -3.62 4.07
N SER A 10 5.58 -3.27 2.83
CA SER A 10 5.74 -4.26 1.75
C SER A 10 5.74 -3.58 0.37
N GLY A 11 5.03 -4.13 -0.56
CA GLY A 11 4.96 -3.55 -1.93
C GLY A 11 3.57 -3.79 -2.54
N LYS A 12 3.10 -2.88 -3.37
CA LYS A 12 1.75 -3.03 -4.01
C LYS A 12 0.63 -2.99 -2.97
N LYS A 13 0.70 -3.85 -2.02
CA LYS A 13 -0.35 -3.92 -0.95
C LYS A 13 -0.98 -2.57 -0.70
N TYR A 14 -0.19 -1.61 -0.39
CA TYR A 14 -0.73 -0.25 -0.14
C TYR A 14 -1.79 0.09 -1.18
N LYS A 15 -1.46 0.01 -2.44
CA LYS A 15 -2.46 0.33 -3.48
C LYS A 15 -3.78 -0.36 -3.13
N GLN A 16 -3.71 -1.61 -2.75
CA GLN A 16 -4.94 -2.34 -2.37
C GLN A 16 -5.34 -1.97 -0.94
N CYS A 17 -4.41 -1.48 -0.17
CA CYS A 17 -4.72 -1.10 1.24
C CYS A 17 -5.05 0.40 1.31
N HIS A 18 -4.06 1.24 1.16
CA HIS A 18 -4.30 2.71 1.24
C HIS A 18 -4.34 3.33 -0.17
N GLY A 19 -4.33 2.53 -1.20
CA GLY A 19 -4.36 3.11 -2.57
C GLY A 19 -5.75 3.68 -2.83
N ARG A 20 -6.76 3.07 -2.31
CA ARG A 20 -8.14 3.57 -2.51
C ARG A 20 -8.97 3.37 -1.24
N LEU A 21 -10.17 2.89 -1.36
CA LEU A 21 -11.01 2.67 -0.15
C LEU A 21 -10.97 3.90 0.77
N GLN A 22 -11.27 5.05 0.24
CA GLN A 22 -11.26 6.28 1.07
C GLN A 22 -9.92 6.43 1.80
ZN ZN B . -1.49 0.10 4.42
N GLY A 1 9.73 -0.01 -7.42
CA GLY A 1 8.30 -0.29 -7.76
C GLY A 1 7.55 -0.72 -6.50
N ARG A 2 8.26 -1.17 -5.50
CA ARG A 2 7.60 -1.60 -4.25
C ARG A 2 7.47 -0.42 -3.28
N ASN A 3 6.28 -0.14 -2.81
CA ASN A 3 6.12 1.00 -1.86
C ASN A 3 4.89 0.78 -0.97
N ASP A 4 4.96 -0.13 -0.04
CA ASP A 4 3.80 -0.35 0.86
C ASP A 4 4.10 0.19 2.25
N PRO A 5 4.22 1.49 2.34
CA PRO A 5 4.51 2.12 3.65
C PRO A 5 3.36 1.85 4.63
N CYS A 6 2.60 2.86 5.01
CA CYS A 6 1.46 2.64 5.96
C CYS A 6 1.84 1.53 6.96
N PRO A 7 0.90 0.77 7.46
CA PRO A 7 1.22 -0.29 8.41
C PRO A 7 1.36 -1.58 7.64
N CYS A 8 1.65 -1.49 6.37
CA CYS A 8 1.77 -2.72 5.57
C CYS A 8 3.24 -3.09 5.38
N GLY A 9 4.06 -2.12 5.04
CA GLY A 9 5.51 -2.39 4.84
C GLY A 9 5.69 -3.54 3.84
N SER A 10 5.73 -3.24 2.57
CA SER A 10 5.89 -4.32 1.57
C SER A 10 6.07 -3.75 0.14
N GLY A 11 5.21 -4.10 -0.79
CA GLY A 11 5.39 -3.58 -2.19
C GLY A 11 4.17 -2.78 -2.68
N LYS A 12 3.08 -3.42 -3.02
CA LYS A 12 1.90 -2.68 -3.55
C LYS A 12 0.72 -2.73 -2.58
N LYS A 13 0.76 -3.62 -1.65
CA LYS A 13 -0.34 -3.76 -0.66
C LYS A 13 -1.04 -2.45 -0.42
N TYR A 14 -0.29 -1.44 -0.16
CA TYR A 14 -0.87 -0.10 0.07
C TYR A 14 -1.90 0.20 -1.02
N LYS A 15 -1.51 0.10 -2.26
CA LYS A 15 -2.48 0.40 -3.34
C LYS A 15 -3.78 -0.36 -3.04
N GLN A 16 -3.65 -1.63 -2.73
CA GLN A 16 -4.86 -2.44 -2.41
C GLN A 16 -5.35 -2.16 -0.99
N CYS A 17 -4.53 -1.56 -0.19
CA CYS A 17 -4.93 -1.26 1.23
C CYS A 17 -5.25 0.22 1.38
N HIS A 18 -4.26 1.07 1.30
CA HIS A 18 -4.50 2.53 1.45
C HIS A 18 -4.53 3.21 0.08
N GLY A 19 -4.53 2.45 -0.98
CA GLY A 19 -4.56 3.07 -2.34
C GLY A 19 -5.96 3.59 -2.63
N ARG A 20 -6.97 2.76 -2.49
CA ARG A 20 -8.37 3.21 -2.75
C ARG A 20 -8.67 4.47 -1.95
N LEU A 21 -9.31 5.43 -2.55
CA LEU A 21 -9.65 6.68 -1.82
C LEU A 21 -11.16 6.78 -1.60
N GLN A 22 -11.69 6.05 -0.66
CA GLN A 22 -13.16 6.10 -0.40
C GLN A 22 -13.64 7.55 -0.40
ZN ZN B . -1.71 -0.19 4.34
N GLY A 1 1.63 0.05 -8.32
CA GLY A 1 2.86 0.79 -7.89
C GLY A 1 3.57 0.01 -6.80
N ARG A 2 4.35 0.67 -5.99
CA ARG A 2 5.08 -0.05 -4.90
C ARG A 2 4.99 0.76 -3.59
N ASN A 3 6.12 1.06 -2.98
CA ASN A 3 6.11 1.84 -1.70
C ASN A 3 4.87 1.53 -0.87
N ASP A 4 4.92 0.53 -0.04
CA ASP A 4 3.73 0.22 0.79
C ASP A 4 4.05 0.49 2.26
N PRO A 5 4.24 1.76 2.54
CA PRO A 5 4.57 2.20 3.92
C PRO A 5 3.45 1.83 4.88
N CYS A 6 2.71 2.81 5.37
CA CYS A 6 1.59 2.52 6.33
C CYS A 6 1.99 1.32 7.22
N PRO A 7 1.04 0.55 7.69
CA PRO A 7 1.38 -0.60 8.55
C PRO A 7 1.50 -1.82 7.67
N CYS A 8 1.77 -1.62 6.42
CA CYS A 8 1.88 -2.80 5.51
C CYS A 8 3.35 -3.16 5.32
N GLY A 9 4.18 -2.19 5.02
CA GLY A 9 5.63 -2.48 4.83
C GLY A 9 5.82 -3.54 3.74
N SER A 10 5.55 -3.21 2.50
CA SER A 10 5.72 -4.21 1.43
C SER A 10 5.66 -3.55 0.05
N GLY A 11 4.92 -4.12 -0.86
CA GLY A 11 4.80 -3.55 -2.22
C GLY A 11 3.36 -3.75 -2.73
N LYS A 12 2.86 -2.85 -3.54
CA LYS A 12 1.46 -2.97 -4.07
C LYS A 12 0.45 -2.91 -2.94
N LYS A 13 0.55 -3.80 -2.01
CA LYS A 13 -0.38 -3.85 -0.85
C LYS A 13 -1.02 -2.50 -0.57
N TYR A 14 -0.25 -1.60 -0.03
CA TYR A 14 -0.76 -0.24 0.28
C TYR A 14 -1.78 0.20 -0.77
N LYS A 15 -1.42 0.17 -2.02
CA LYS A 15 -2.40 0.58 -3.07
C LYS A 15 -3.74 -0.09 -2.78
N GLN A 16 -3.72 -1.37 -2.52
CA GLN A 16 -4.99 -2.09 -2.22
C GLN A 16 -5.41 -1.83 -0.76
N CYS A 17 -4.51 -1.33 0.04
CA CYS A 17 -4.85 -1.08 1.48
C CYS A 17 -5.09 0.42 1.71
N HIS A 18 -4.08 1.22 1.58
CA HIS A 18 -4.26 2.68 1.81
C HIS A 18 -4.25 3.45 0.48
N GLY A 19 -4.29 2.76 -0.63
CA GLY A 19 -4.29 3.48 -1.93
C GLY A 19 -5.70 3.53 -2.52
N ARG A 20 -6.62 2.78 -1.98
CA ARG A 20 -8.01 2.78 -2.52
C ARG A 20 -7.98 2.60 -4.03
N LEU A 21 -7.17 1.69 -4.52
CA LEU A 21 -7.10 1.48 -6.00
C LEU A 21 -7.73 0.13 -6.36
N GLN A 22 -8.98 -0.07 -6.01
CA GLN A 22 -9.65 -1.36 -6.33
C GLN A 22 -10.07 -1.37 -7.81
ZN ZN B . -1.56 -0.17 4.53
N GLY A 1 7.35 1.99 -7.91
CA GLY A 1 6.34 1.88 -6.82
C GLY A 1 6.91 1.05 -5.67
N ARG A 2 6.29 -0.03 -5.33
CA ARG A 2 6.79 -0.88 -4.21
C ARG A 2 6.85 -0.07 -2.91
N ASN A 3 6.15 1.03 -2.86
CA ASN A 3 6.18 1.86 -1.62
C ASN A 3 4.96 1.54 -0.76
N ASP A 4 5.03 0.54 0.06
CA ASP A 4 3.87 0.19 0.93
C ASP A 4 4.18 0.53 2.38
N PRO A 5 4.30 1.79 2.66
CA PRO A 5 4.59 2.24 4.04
C PRO A 5 3.46 1.82 4.97
N CYS A 6 2.63 2.75 5.41
CA CYS A 6 1.50 2.40 6.33
C CYS A 6 1.93 1.25 7.26
N PRO A 7 1.03 0.43 7.72
CA PRO A 7 1.38 -0.66 8.61
C PRO A 7 1.56 -1.91 7.78
N CYS A 8 1.91 -1.75 6.53
CA CYS A 8 2.07 -2.94 5.67
C CYS A 8 3.55 -3.23 5.41
N GLY A 9 4.29 -2.24 4.97
CA GLY A 9 5.74 -2.47 4.70
C GLY A 9 5.90 -3.55 3.63
N SER A 10 5.61 -3.23 2.40
CA SER A 10 5.73 -4.25 1.32
C SER A 10 5.62 -3.60 -0.07
N GLY A 11 4.80 -4.16 -0.92
CA GLY A 11 4.62 -3.58 -2.29
C GLY A 11 3.21 -3.89 -2.82
N LYS A 12 2.58 -2.92 -3.44
CA LYS A 12 1.20 -3.09 -4.01
C LYS A 12 0.12 -3.27 -2.92
N LYS A 13 0.51 -3.53 -1.71
CA LYS A 13 -0.49 -3.73 -0.62
C LYS A 13 -1.06 -2.40 -0.17
N TYR A 14 -0.30 -1.37 -0.30
CA TYR A 14 -0.78 -0.03 0.11
C TYR A 14 -1.79 0.48 -0.91
N LYS A 15 -1.43 0.53 -2.16
CA LYS A 15 -2.39 1.01 -3.17
C LYS A 15 -3.72 0.30 -2.94
N GLN A 16 -3.67 -0.97 -2.64
CA GLN A 16 -4.92 -1.73 -2.36
C GLN A 16 -5.38 -1.49 -0.92
N CYS A 17 -4.46 -1.12 -0.06
CA CYS A 17 -4.83 -0.89 1.37
C CYS A 17 -5.12 0.59 1.62
N HIS A 18 -4.12 1.42 1.48
CA HIS A 18 -4.32 2.88 1.73
C HIS A 18 -4.36 3.66 0.42
N GLY A 19 -4.41 2.99 -0.70
CA GLY A 19 -4.46 3.73 -1.99
C GLY A 19 -5.91 3.81 -2.48
N ARG A 20 -6.44 2.72 -2.95
CA ARG A 20 -7.84 2.72 -3.44
C ARG A 20 -8.24 1.32 -3.93
N LEU A 21 -9.51 1.01 -3.91
CA LEU A 21 -9.95 -0.34 -4.35
C LEU A 21 -10.03 -0.39 -5.89
N GLN A 22 -8.91 -0.52 -6.54
CA GLN A 22 -8.92 -0.58 -8.03
C GLN A 22 -9.97 -1.58 -8.52
ZN ZN B . -1.48 -0.47 4.45
N GLY A 1 12.62 -0.27 -0.16
CA GLY A 1 12.18 -1.23 -1.21
C GLY A 1 10.66 -1.14 -1.38
N ARG A 2 10.20 -1.03 -2.60
CA ARG A 2 8.72 -0.94 -2.83
C ARG A 2 8.16 0.27 -2.08
N ASN A 3 6.91 0.60 -2.27
CA ASN A 3 6.34 1.78 -1.55
C ASN A 3 5.08 1.40 -0.79
N ASP A 4 5.12 0.41 0.04
CA ASP A 4 3.91 0.04 0.82
C ASP A 4 4.16 0.40 2.28
N PRO A 5 4.29 1.68 2.51
CA PRO A 5 4.56 2.19 3.87
C PRO A 5 3.41 1.83 4.82
N CYS A 6 2.64 2.81 5.26
CA CYS A 6 1.51 2.52 6.18
C CYS A 6 1.91 1.36 7.12
N PRO A 7 0.98 0.56 7.58
CA PRO A 7 1.33 -0.55 8.46
C PRO A 7 1.50 -1.80 7.62
N CYS A 8 1.79 -1.63 6.36
CA CYS A 8 1.94 -2.82 5.49
C CYS A 8 3.42 -3.16 5.31
N GLY A 9 4.23 -2.20 4.97
CA GLY A 9 5.69 -2.47 4.79
C GLY A 9 5.90 -3.59 3.75
N SER A 10 5.78 -3.27 2.50
CA SER A 10 5.96 -4.31 1.46
C SER A 10 5.83 -3.69 0.05
N GLY A 11 5.04 -4.29 -0.79
CA GLY A 11 4.85 -3.75 -2.18
C GLY A 11 3.38 -3.93 -2.61
N LYS A 12 2.87 -3.02 -3.40
CA LYS A 12 1.45 -3.13 -3.89
C LYS A 12 0.46 -2.85 -2.76
N LYS A 13 0.46 -3.70 -1.79
CA LYS A 13 -0.46 -3.59 -0.61
C LYS A 13 -1.09 -2.21 -0.49
N TYR A 14 -0.35 -1.27 -0.03
CA TYR A 14 -0.88 0.10 0.16
C TYR A 14 -1.86 0.47 -0.96
N LYS A 15 -1.43 0.46 -2.18
CA LYS A 15 -2.37 0.82 -3.29
C LYS A 15 -3.71 0.14 -3.05
N GLN A 16 -3.69 -1.14 -2.79
CA GLN A 16 -4.97 -1.87 -2.53
C GLN A 16 -5.41 -1.65 -1.07
N CYS A 17 -4.52 -1.21 -0.24
CA CYS A 17 -4.89 -0.98 1.19
C CYS A 17 -5.17 0.51 1.43
N HIS A 18 -4.16 1.33 1.40
CA HIS A 18 -4.37 2.78 1.62
C HIS A 18 -4.44 3.52 0.28
N GLY A 19 -4.48 2.80 -0.80
CA GLY A 19 -4.54 3.47 -2.13
C GLY A 19 -6.00 3.46 -2.60
N ARG A 20 -6.92 3.43 -1.68
CA ARG A 20 -8.37 3.41 -2.07
C ARG A 20 -8.71 2.07 -2.72
N LEU A 21 -9.97 1.79 -2.90
CA LEU A 21 -10.34 0.48 -3.53
C LEU A 21 -11.58 0.63 -4.43
N GLN A 22 -11.62 1.66 -5.22
CA GLN A 22 -12.79 1.86 -6.13
C GLN A 22 -12.62 3.15 -6.94
ZN ZN B . -1.56 -0.29 4.44
N GLY A 1 9.54 -0.76 -8.36
CA GLY A 1 8.64 0.25 -7.73
C GLY A 1 7.81 -0.41 -6.63
N ARG A 2 8.30 -0.41 -5.41
CA ARG A 2 7.54 -1.05 -4.30
C ARG A 2 7.54 -0.14 -3.07
N ASN A 3 6.43 0.48 -2.76
CA ASN A 3 6.39 1.38 -1.57
C ASN A 3 5.10 1.19 -0.79
N ASP A 4 5.04 0.22 0.09
CA ASP A 4 3.82 0.01 0.90
C ASP A 4 4.12 0.37 2.35
N PRO A 5 4.31 1.64 2.58
CA PRO A 5 4.63 2.16 3.94
C PRO A 5 3.47 1.86 4.90
N CYS A 6 2.73 2.87 5.31
CA CYS A 6 1.58 2.64 6.25
C CYS A 6 1.94 1.49 7.22
N PRO A 7 0.97 0.75 7.69
CA PRO A 7 1.27 -0.35 8.61
C PRO A 7 1.38 -1.63 7.80
N CYS A 8 1.71 -1.50 6.54
CA CYS A 8 1.80 -2.70 5.70
C CYS A 8 3.26 -3.11 5.48
N GLY A 9 4.06 -2.21 4.97
CA GLY A 9 5.50 -2.55 4.73
C GLY A 9 5.57 -3.63 3.66
N SER A 10 5.54 -3.26 2.40
CA SER A 10 5.59 -4.27 1.33
C SER A 10 5.80 -3.60 -0.04
N GLY A 11 4.99 -3.94 -1.01
CA GLY A 11 5.15 -3.33 -2.37
C GLY A 11 3.82 -2.85 -2.95
N LYS A 12 2.89 -3.75 -3.22
CA LYS A 12 1.59 -3.32 -3.82
C LYS A 12 0.49 -3.20 -2.77
N LYS A 13 0.57 -3.98 -1.74
CA LYS A 13 -0.46 -3.94 -0.66
C LYS A 13 -1.06 -2.55 -0.51
N TYR A 14 -0.30 -1.63 -0.01
CA TYR A 14 -0.78 -0.25 0.17
C TYR A 14 -1.75 0.15 -0.95
N LYS A 15 -1.36 -0.08 -2.17
CA LYS A 15 -2.28 0.28 -3.28
C LYS A 15 -3.65 -0.33 -3.02
N GLN A 16 -3.68 -1.58 -2.62
CA GLN A 16 -4.97 -2.26 -2.34
C GLN A 16 -5.43 -1.94 -0.91
N CYS A 17 -4.54 -1.41 -0.11
CA CYS A 17 -4.91 -1.08 1.29
C CYS A 17 -5.17 0.42 1.43
N HIS A 18 -4.16 1.22 1.23
CA HIS A 18 -4.33 2.70 1.35
C HIS A 18 -4.28 3.36 -0.03
N GLY A 19 -4.29 2.58 -1.08
CA GLY A 19 -4.24 3.17 -2.45
C GLY A 19 -5.65 3.60 -2.88
N ARG A 20 -6.66 2.87 -2.49
CA ARG A 20 -8.05 3.24 -2.90
C ARG A 20 -8.87 3.65 -1.68
N LEU A 21 -8.51 4.73 -1.03
CA LEU A 21 -9.28 5.19 0.16
C LEU A 21 -10.21 6.33 -0.21
N GLN A 22 -11.06 6.13 -1.19
CA GLN A 22 -12.00 7.22 -1.60
C GLN A 22 -13.42 6.88 -1.16
ZN ZN B . -1.55 -0.05 4.19
#